data_3ART
#
_entry.id   3ART
#
_cell.length_a   66.600
_cell.length_b   84.150
_cell.length_c   102.600
_cell.angle_alpha   90.000
_cell.angle_beta   90.000
_cell.angle_gamma   90.000
#
_symmetry.space_group_name_H-M   'P 21 21 21'
#
loop_
_entity.id
_entity.type
_entity.pdbx_description
1 polymer 'Chitinase A'
2 non-polymer DEQUALINIUM
3 non-polymer GLYCEROL
4 water water
#
_entity_poly.entity_id   1
_entity_poly.type   'polypeptide(L)'
_entity_poly.pdbx_seq_one_letter_code
;APTAPSIDMYGSNNLQFSKIELAMETTSGYNDMVKYHELAKIKVKFNQWSGTSGDTYNVYFDGVKVATGAITGSQTTASF
EYGQGGLYQMEIEACDATGCSKSAPVEITIADTDGSHLKPLTMNVDPNNKSYNTDPSIVMGTYFVEWGIYGRDYTVDNMP
VDNLTHILYGFIPICGPNESVKSVGGNSFNALQTACRGVNDYEVVIHDPWAAYQKSFPQAGHEYSTPIKGNYAMLMALKQ
RNPDLKIIPSIGGGTLSDPFYDFVDKKNRDTFVASVKKFLKTWKFYDGVDIDWEFPGGGGAAADKGDPVNDGPAYIALMR
ELRVMLDELEAETGRTYELTSAIGVGYDKIEDVDYADAVQYMDYIFAMTYDFYGGWNNVPGHQTALYCGSFMRPGQCDGG
GVDENGEPYKGPAYTADNGIQLLLAQGVPANKLVLGTAMYGRGWEGVTPDTLTDPNDPMTGTATGKLKGSTAQGVWEDGV
IDYKGIKSFMLGANNTGINGFEYGYDAQAEAPWVWNRSTGELITFDDHRSVLAKGNYAKSLGLAGLFSWEIDADNGDILN
AMHEGMAGGVVTPPNRRSHHHHHH
;
_entity_poly.pdbx_strand_id   A
#
loop_
_chem_comp.id
_chem_comp.type
_chem_comp.name
_chem_comp.formula
DEQ non-polymer DEQUALINIUM 'C30 H40 N4 2'
GOL non-polymer GLYCEROL 'C3 H8 O3'
#
# COMPACT_ATOMS: atom_id res chain seq x y z
N ALA A 1 -6.72 49.68 -24.39
CA ALA A 1 -7.05 50.97 -23.71
C ALA A 1 -8.12 50.85 -22.64
N PRO A 2 -8.73 49.66 -22.49
CA PRO A 2 -9.41 49.41 -21.21
C PRO A 2 -8.40 49.36 -20.08
N THR A 3 -8.87 49.52 -18.85
CA THR A 3 -8.09 49.23 -17.66
C THR A 3 -7.60 47.76 -17.70
N ALA A 4 -6.34 47.54 -17.35
CA ALA A 4 -5.79 46.18 -17.17
C ALA A 4 -6.53 45.46 -16.03
N PRO A 5 -7.01 44.22 -16.28
CA PRO A 5 -7.69 43.39 -15.25
C PRO A 5 -6.79 43.16 -14.04
N SER A 6 -7.34 43.23 -12.82
CA SER A 6 -6.71 42.64 -11.62
C SER A 6 -7.41 41.33 -11.31
N ILE A 7 -6.65 40.29 -10.99
CA ILE A 7 -7.26 39.02 -10.60
C ILE A 7 -7.78 39.07 -9.15
N ASP A 8 -9.01 38.63 -8.94
CA ASP A 8 -9.54 38.43 -7.59
C ASP A 8 -9.14 37.02 -7.12
N MET A 9 -8.04 36.93 -6.36
CA MET A 9 -7.49 35.66 -5.92
C MET A 9 -8.45 34.79 -5.09
N TYR A 10 -9.04 35.38 -4.06
CA TYR A 10 -9.92 34.65 -3.19
C TYR A 10 -11.23 34.36 -3.87
N GLY A 11 -11.65 35.16 -4.81
CA GLY A 11 -12.86 34.83 -5.56
C GLY A 11 -12.55 33.86 -6.69
N SER A 12 -11.29 33.46 -6.87
CA SER A 12 -10.97 32.48 -7.90
C SER A 12 -10.42 31.23 -7.26
N ASN A 13 -10.97 30.89 -6.09
CA ASN A 13 -10.49 29.73 -5.35
C ASN A 13 -8.97 29.67 -5.23
N ASN A 14 -8.36 30.85 -5.01
CA ASN A 14 -6.89 31.01 -4.89
C ASN A 14 -6.11 30.50 -6.06
N LEU A 15 -6.75 30.43 -7.23
CA LEU A 15 -6.08 29.97 -8.44
C LEU A 15 -5.65 28.52 -8.31
N GLN A 16 -6.35 27.76 -7.48
CA GLN A 16 -6.09 26.33 -7.38
C GLN A 16 -7.20 25.63 -8.14
N PHE A 17 -6.86 25.01 -9.25
CA PHE A 17 -7.79 24.22 -10.06
C PHE A 17 -7.30 22.77 -10.16
N SER A 18 -8.09 21.90 -10.79
CA SER A 18 -7.79 20.49 -10.71
C SER A 18 -8.53 19.68 -11.78
N LYS A 19 -7.87 18.72 -12.43
CA LYS A 19 -8.66 17.75 -13.25
C LYS A 19 -9.44 16.77 -12.37
N ILE A 20 -9.13 16.70 -11.07
CA ILE A 20 -9.88 15.80 -10.25
C ILE A 20 -10.69 16.56 -9.16
N GLU A 21 -11.97 16.25 -9.07
CA GLU A 21 -12.86 16.96 -8.18
C GLU A 21 -13.08 16.07 -6.97
N LEU A 22 -12.63 16.55 -5.82
CA LEU A 22 -12.57 15.79 -4.59
C LEU A 22 -13.35 16.52 -3.46
N ALA A 23 -14.32 15.84 -2.83
CA ALA A 23 -15.09 16.42 -1.72
C ALA A 23 -14.12 16.41 -0.55
N MET A 24 -13.91 17.54 0.09
CA MET A 24 -12.90 17.68 1.15
C MET A 24 -13.53 17.73 2.52
N GLU A 25 -14.84 17.88 2.61
CA GLU A 25 -15.44 18.24 3.92
C GLU A 25 -16.69 17.42 4.22
N THR A 26 -16.60 16.13 3.91
CA THR A 26 -17.72 15.24 4.06
C THR A 26 -17.16 13.86 3.88
N THR A 27 -17.94 12.85 4.23
CA THR A 27 -17.60 11.45 4.04
C THR A 27 -18.83 10.83 3.48
N SER A 28 -18.71 10.39 2.22
CA SER A 28 -19.84 9.88 1.47
C SER A 28 -19.41 8.78 0.49
N GLY A 29 -20.30 8.45 -0.43
CA GLY A 29 -20.09 7.39 -1.42
C GLY A 29 -18.96 7.80 -2.37
N TYR A 30 -18.20 6.80 -2.83
CA TYR A 30 -17.04 7.06 -3.65
C TYR A 30 -17.35 7.84 -4.95
N ASN A 31 -18.41 7.43 -5.66
CA ASN A 31 -18.79 8.16 -6.91
C ASN A 31 -19.21 9.64 -6.71
N ASP A 32 -19.79 9.98 -5.56
CA ASP A 32 -20.00 11.38 -5.21
C ASP A 32 -18.75 12.12 -4.86
N MET A 33 -17.85 11.53 -4.10
CA MET A 33 -16.62 12.21 -3.63
C MET A 33 -15.48 12.43 -4.66
N VAL A 34 -15.37 11.52 -5.62
CA VAL A 34 -14.27 11.44 -6.55
C VAL A 34 -14.81 11.49 -7.98
N LYS A 35 -14.56 12.60 -8.67
CA LYS A 35 -14.84 12.69 -10.12
C LYS A 35 -13.63 13.25 -10.89
N TYR A 36 -13.11 12.42 -11.80
CA TYR A 36 -12.00 12.76 -12.66
C TYR A 36 -12.60 13.41 -13.92
N HIS A 37 -12.03 14.53 -14.38
CA HIS A 37 -12.47 15.17 -15.62
C HIS A 37 -11.35 15.31 -16.63
N GLU A 38 -11.58 14.96 -17.88
CA GLU A 38 -10.57 15.15 -18.93
C GLU A 38 -10.05 16.57 -19.06
N LEU A 39 -10.91 17.53 -18.78
CA LEU A 39 -10.58 18.95 -18.82
C LEU A 39 -10.95 19.58 -17.47
N ALA A 40 -9.97 20.20 -16.85
CA ALA A 40 -10.19 20.93 -15.62
C ALA A 40 -11.09 22.12 -15.86
N LYS A 41 -12.08 22.34 -15.00
CA LYS A 41 -12.89 23.53 -15.08
C LYS A 41 -12.12 24.67 -14.40
N ILE A 42 -11.87 25.74 -15.16
CA ILE A 42 -11.15 26.90 -14.62
C ILE A 42 -12.12 28.05 -14.47
N LYS A 43 -12.07 28.76 -13.34
CA LYS A 43 -12.97 29.89 -13.09
C LYS A 43 -12.24 31.04 -12.45
N VAL A 44 -12.15 32.16 -13.15
CA VAL A 44 -11.27 33.23 -12.68
C VAL A 44 -12.04 34.52 -12.71
N LYS A 45 -12.25 35.12 -11.55
CA LYS A 45 -12.88 36.43 -11.49
C LYS A 45 -11.79 37.51 -11.50
N PHE A 46 -12.07 38.63 -12.18
CA PHE A 46 -11.18 39.76 -12.25
C PHE A 46 -11.99 41.02 -12.23
N ASN A 47 -11.35 42.09 -11.76
CA ASN A 47 -11.96 43.38 -11.59
C ASN A 47 -11.28 44.41 -12.48
N GLN A 48 -12.02 45.45 -12.87
CA GLN A 48 -11.52 46.66 -13.52
C GLN A 48 -12.26 47.78 -12.87
N TRP A 49 -11.80 48.12 -11.65
CA TRP A 49 -12.46 49.15 -10.82
C TRP A 49 -12.46 50.56 -11.42
N SER A 50 -11.36 50.99 -12.03
CA SER A 50 -11.33 52.32 -12.61
C SER A 50 -11.34 52.30 -14.14
N GLY A 51 -11.73 53.42 -14.72
CA GLY A 51 -11.66 53.60 -16.18
C GLY A 51 -12.70 52.71 -16.83
N THR A 52 -12.43 52.30 -18.06
CA THR A 52 -13.39 51.56 -18.82
C THR A 52 -13.00 50.09 -18.84
N SER A 53 -14.00 49.24 -19.03
CA SER A 53 -13.91 47.81 -18.92
C SER A 53 -13.49 47.16 -20.26
N GLY A 54 -13.82 47.83 -21.36
CA GLY A 54 -13.61 47.31 -22.74
C GLY A 54 -14.67 46.27 -23.04
N ASP A 55 -14.50 45.44 -24.04
CA ASP A 55 -15.59 44.54 -24.44
CA ASP A 55 -15.60 44.56 -24.46
C ASP A 55 -15.23 43.07 -24.57
N THR A 56 -13.91 42.74 -24.66
CA THR A 56 -13.50 41.32 -24.72
CA THR A 56 -13.46 41.34 -24.77
C THR A 56 -12.23 41.01 -23.93
N TYR A 57 -12.19 39.79 -23.38
CA TYR A 57 -11.03 39.40 -22.60
C TYR A 57 -10.39 38.20 -23.31
N ASN A 58 -9.05 38.06 -23.20
CA ASN A 58 -8.31 36.87 -23.57
C ASN A 58 -7.46 36.39 -22.40
N VAL A 59 -7.47 35.07 -22.19
CA VAL A 59 -6.68 34.48 -21.13
C VAL A 59 -5.44 33.80 -21.73
N TYR A 60 -4.28 34.09 -21.14
CA TYR A 60 -3.04 33.46 -21.56
C TYR A 60 -2.44 32.59 -20.49
N PHE A 61 -1.91 31.42 -20.89
CA PHE A 61 -1.02 30.60 -19.97
C PHE A 61 0.39 30.55 -20.58
N ASP A 62 1.40 31.02 -19.87
CA ASP A 62 2.80 30.98 -20.39
C ASP A 62 2.92 31.68 -21.77
N GLY A 63 2.16 32.77 -21.94
CA GLY A 63 2.15 33.48 -23.21
C GLY A 63 1.27 32.88 -24.28
N VAL A 64 0.61 31.77 -24.02
CA VAL A 64 -0.25 31.12 -25.05
C VAL A 64 -1.74 31.37 -24.75
N LYS A 65 -2.51 31.76 -25.76
CA LYS A 65 -3.93 32.00 -25.60
C LYS A 65 -4.71 30.70 -25.37
N VAL A 66 -5.53 30.69 -24.29
CA VAL A 66 -6.32 29.55 -23.88
C VAL A 66 -7.81 29.83 -23.70
N ALA A 67 -8.23 31.09 -23.66
CA ALA A 67 -9.64 31.39 -23.54
C ALA A 67 -9.96 32.80 -24.05
N THR A 68 -11.23 33.00 -24.42
CA THR A 68 -11.75 34.34 -24.67
CA THR A 68 -11.80 34.31 -24.78
C THR A 68 -13.21 34.35 -24.25
N GLY A 69 -13.77 35.55 -24.14
CA GLY A 69 -15.14 35.74 -23.77
C GLY A 69 -15.40 37.22 -23.74
N ALA A 70 -16.59 37.57 -23.29
CA ALA A 70 -17.13 38.90 -23.30
C ALA A 70 -16.90 39.60 -21.96
N ILE A 71 -16.60 40.86 -22.00
CA ILE A 71 -16.57 41.65 -20.81
C ILE A 71 -17.80 42.49 -20.99
N THR A 72 -18.53 42.65 -19.92
CA THR A 72 -19.71 43.49 -20.01
CA THR A 72 -19.77 43.41 -19.98
C THR A 72 -19.93 44.42 -18.83
N GLY A 73 -18.99 44.39 -17.84
CA GLY A 73 -18.97 45.32 -16.70
C GLY A 73 -17.66 45.47 -15.92
N SER A 74 -17.70 46.01 -14.71
CA SER A 74 -16.46 46.24 -13.96
C SER A 74 -15.93 44.97 -13.24
N GLN A 75 -16.71 43.87 -13.31
CA GLN A 75 -16.40 42.56 -12.68
CA GLN A 75 -16.29 42.59 -12.76
C GLN A 75 -16.72 41.45 -13.68
N THR A 76 -15.78 40.58 -13.98
CA THR A 76 -16.06 39.50 -14.93
C THR A 76 -15.60 38.16 -14.35
N THR A 77 -16.37 37.10 -14.59
CA THR A 77 -15.95 35.77 -14.27
C THR A 77 -15.62 35.03 -15.59
N ALA A 78 -14.35 34.64 -15.77
CA ALA A 78 -13.91 33.88 -16.94
C ALA A 78 -14.01 32.40 -16.62
N SER A 79 -14.87 31.66 -17.29
CA SER A 79 -14.91 30.19 -17.13
C SER A 79 -14.49 29.51 -18.43
N PHE A 80 -13.62 28.52 -18.32
CA PHE A 80 -13.14 27.81 -19.51
C PHE A 80 -12.55 26.48 -19.01
N GLU A 81 -12.06 25.66 -19.93
CA GLU A 81 -11.55 24.33 -19.58
C GLU A 81 -10.13 24.22 -20.08
N TYR A 82 -9.29 23.45 -19.37
CA TYR A 82 -7.90 23.21 -19.79
C TYR A 82 -7.48 21.77 -19.46
N GLY A 83 -6.84 21.09 -20.41
CA GLY A 83 -6.62 19.65 -20.28
C GLY A 83 -5.37 19.17 -19.59
N GLN A 84 -4.45 20.06 -19.27
CA GLN A 84 -3.14 19.59 -18.90
C GLN A 84 -2.72 20.05 -17.48
N GLY A 85 -2.26 19.12 -16.64
CA GLY A 85 -1.81 19.50 -15.32
C GLY A 85 -0.53 20.32 -15.33
N GLY A 86 -0.35 21.17 -14.33
CA GLY A 86 0.88 21.91 -14.17
C GLY A 86 0.72 23.27 -13.54
N LEU A 87 1.80 24.05 -13.55
CA LEU A 87 1.74 25.38 -13.04
C LEU A 87 2.01 26.31 -14.21
N TYR A 88 1.27 27.39 -14.30
CA TYR A 88 1.42 28.27 -15.45
C TYR A 88 1.28 29.67 -14.97
N GLN A 89 1.87 30.56 -15.77
CA GLN A 89 1.88 31.95 -15.58
C GLN A 89 0.70 32.48 -16.32
N MET A 90 -0.27 32.98 -15.57
CA MET A 90 -1.50 33.44 -16.21
C MET A 90 -1.54 34.95 -16.37
N GLU A 91 -1.91 35.39 -17.57
CA GLU A 91 -2.22 36.79 -17.83
C GLU A 91 -3.59 36.89 -18.40
N ILE A 92 -4.35 37.92 -18.00
CA ILE A 92 -5.67 38.19 -18.65
C ILE A 92 -5.69 39.63 -19.19
N GLU A 93 -6.08 39.77 -20.46
CA GLU A 93 -6.11 41.06 -21.08
C GLU A 93 -7.55 41.46 -21.35
N ALA A 94 -7.80 42.75 -21.21
CA ALA A 94 -9.04 43.36 -21.64
C ALA A 94 -8.82 44.18 -22.94
N CYS A 95 -9.74 43.99 -23.89
CA CYS A 95 -9.70 44.67 -25.18
C CYS A 95 -10.98 45.44 -25.54
N ASP A 96 -10.79 46.62 -26.17
CA ASP A 96 -11.85 47.31 -26.90
C ASP A 96 -11.35 47.54 -28.33
N ALA A 97 -12.09 48.29 -29.13
CA ALA A 97 -11.76 48.39 -30.54
C ALA A 97 -10.42 49.14 -30.78
N THR A 98 -9.81 49.72 -29.75
CA THR A 98 -8.57 50.55 -29.94
C THR A 98 -7.28 49.84 -29.48
N GLY A 99 -7.43 48.77 -28.67
CA GLY A 99 -6.30 47.98 -28.12
C GLY A 99 -6.64 47.13 -26.88
N CYS A 100 -5.63 46.55 -26.24
CA CYS A 100 -5.73 45.56 -25.18
C CYS A 100 -4.77 45.97 -24.05
N SER A 101 -5.08 45.54 -22.82
CA SER A 101 -4.32 45.82 -21.63
C SER A 101 -4.24 44.56 -20.76
N LYS A 102 -3.06 43.96 -20.60
CA LYS A 102 -2.78 42.72 -19.86
C LYS A 102 -2.59 42.97 -18.35
N SER A 103 -3.21 42.15 -17.52
CA SER A 103 -2.87 42.00 -16.09
C SER A 103 -1.41 41.62 -15.96
N ALA A 104 -0.77 42.05 -14.89
CA ALA A 104 0.54 41.46 -14.52
C ALA A 104 0.37 39.92 -14.45
N PRO A 105 1.43 39.14 -14.67
CA PRO A 105 1.24 37.69 -14.61
C PRO A 105 1.10 37.14 -13.16
N VAL A 106 0.42 36.01 -13.04
CA VAL A 106 0.23 35.35 -11.76
C VAL A 106 0.13 33.83 -11.97
N GLU A 107 0.68 33.11 -10.99
CA GLU A 107 0.74 31.65 -11.06
C GLU A 107 -0.61 31.02 -10.83
N ILE A 108 -1.11 30.32 -11.85
CA ILE A 108 -2.30 29.48 -11.71
C ILE A 108 -1.88 28.00 -11.44
N THR A 109 -2.61 27.30 -10.59
CA THR A 109 -2.31 25.86 -10.41
C THR A 109 -3.35 24.94 -11.05
N ILE A 110 -2.92 23.97 -11.85
CA ILE A 110 -3.87 22.91 -12.28
C ILE A 110 -3.44 21.51 -11.84
N ALA A 111 -4.07 20.99 -10.79
CA ALA A 111 -3.67 19.71 -10.23
C ALA A 111 -4.01 18.56 -11.16
N ASP A 112 -3.07 17.63 -11.24
CA ASP A 112 -3.41 16.35 -11.84
C ASP A 112 -2.81 15.25 -10.94
N THR A 113 -3.35 14.03 -11.07
CA THR A 113 -3.00 12.96 -10.15
C THR A 113 -1.68 12.19 -10.42
N ASP A 114 -0.94 12.56 -11.49
CA ASP A 114 0.46 12.23 -11.68
C ASP A 114 1.37 13.11 -10.83
N GLY A 115 0.85 14.19 -10.24
CA GLY A 115 1.72 15.06 -9.45
C GLY A 115 2.51 16.08 -10.28
N SER A 116 2.07 16.35 -11.52
CA SER A 116 2.71 17.33 -12.45
C SER A 116 2.75 18.79 -11.92
N HIS A 117 1.84 19.13 -11.03
CA HIS A 117 1.84 20.42 -10.41
C HIS A 117 2.67 20.50 -9.07
N LEU A 118 3.38 19.41 -8.72
CA LEU A 118 4.04 19.29 -7.39
C LEU A 118 5.57 19.31 -7.43
N LYS A 119 6.17 19.83 -6.37
CA LYS A 119 7.61 19.75 -6.17
C LYS A 119 8.00 18.37 -5.62
N PRO A 120 9.26 17.95 -5.85
CA PRO A 120 9.71 16.69 -5.17
C PRO A 120 9.43 16.79 -3.67
N LEU A 121 8.86 15.71 -3.11
CA LEU A 121 8.50 15.65 -1.66
C LEU A 121 9.71 15.89 -0.76
N THR A 122 9.55 16.66 0.30
CA THR A 122 10.59 16.83 1.33
C THR A 122 10.49 15.69 2.33
N MET A 123 11.58 14.93 2.48
CA MET A 123 11.64 13.73 3.35
C MET A 123 12.01 13.99 4.82
N ASN A 124 11.57 13.11 5.71
CA ASN A 124 11.92 13.17 7.15
C ASN A 124 12.01 11.72 7.64
N VAL A 125 13.05 11.02 7.17
CA VAL A 125 13.29 9.60 7.44
C VAL A 125 14.19 9.38 8.67
N ASP A 126 13.83 8.46 9.57
CA ASP A 126 14.72 8.07 10.65
C ASP A 126 16.14 7.76 10.07
N PRO A 127 17.19 8.46 10.58
CA PRO A 127 18.55 8.22 9.99
C PRO A 127 19.18 6.85 10.36
N ASN A 128 18.61 6.10 11.30
CA ASN A 128 18.94 4.67 11.43
C ASN A 128 18.76 3.86 10.10
N ASN A 129 17.93 4.33 9.16
CA ASN A 129 17.90 3.76 7.80
C ASN A 129 19.20 4.13 7.05
N LYS A 130 20.00 3.15 6.63
CA LYS A 130 21.28 3.45 5.98
C LYS A 130 21.19 3.64 4.45
N SER A 131 22.25 4.16 3.86
CA SER A 131 22.43 4.23 2.40
C SER A 131 23.02 2.93 1.84
N TYR A 132 22.44 2.44 0.76
CA TYR A 132 22.96 1.30 0.08
C TYR A 132 22.99 1.64 -1.37
N ASN A 133 23.67 0.80 -2.14
CA ASN A 133 23.75 0.90 -3.60
C ASN A 133 23.37 -0.45 -4.21
N THR A 134 22.13 -0.89 -3.94
CA THR A 134 21.70 -2.23 -4.31
C THR A 134 21.28 -2.17 -5.78
N ASP A 135 21.74 -3.15 -6.55
CA ASP A 135 21.33 -3.26 -7.97
C ASP A 135 19.84 -2.92 -8.09
N PRO A 136 19.49 -1.89 -8.93
CA PRO A 136 18.07 -1.49 -9.02
C PRO A 136 17.20 -2.58 -9.62
N SER A 137 17.83 -3.64 -10.13
CA SER A 137 17.07 -4.75 -10.71
C SER A 137 16.47 -5.74 -9.65
N ILE A 138 16.96 -5.69 -8.41
CA ILE A 138 16.46 -6.58 -7.37
C ILE A 138 15.23 -5.90 -6.73
N VAL A 139 14.15 -6.65 -6.54
CA VAL A 139 13.01 -6.07 -5.88
C VAL A 139 13.29 -5.88 -4.39
N MET A 140 12.97 -4.69 -3.89
CA MET A 140 12.99 -4.35 -2.47
C MET A 140 11.66 -3.68 -2.13
N GLY A 141 10.68 -4.48 -1.70
CA GLY A 141 9.33 -3.92 -1.63
C GLY A 141 8.89 -3.76 -0.20
N THR A 142 7.90 -2.93 0.01
CA THR A 142 7.27 -2.89 1.33
C THR A 142 5.86 -2.45 1.19
N TYR A 143 5.09 -2.70 2.26
CA TYR A 143 3.73 -2.17 2.36
C TYR A 143 3.68 -0.92 3.24
N PHE A 144 2.94 0.06 2.74
CA PHE A 144 2.63 1.26 3.48
C PHE A 144 1.12 1.24 3.69
N VAL A 145 0.70 1.36 4.96
CA VAL A 145 -0.72 1.30 5.27
C VAL A 145 -1.37 2.64 5.50
N GLU A 146 -2.55 2.79 4.93
CA GLU A 146 -3.35 4.01 4.91
C GLU A 146 -3.65 4.50 6.33
N TRP A 147 -3.95 3.57 7.24
CA TRP A 147 -4.31 3.89 8.59
C TRP A 147 -3.09 4.21 9.49
N GLY A 148 -1.87 4.19 8.96
CA GLY A 148 -0.68 4.37 9.82
C GLY A 148 -0.47 5.81 10.21
N ILE A 149 -1.24 6.73 9.62
CA ILE A 149 -1.07 8.15 9.90
C ILE A 149 -1.77 8.57 11.25
N TYR A 150 -2.58 7.67 11.82
CA TYR A 150 -3.27 7.92 13.09
C TYR A 150 -2.38 7.61 14.29
N GLY A 151 -2.77 6.67 15.13
CA GLY A 151 -1.95 6.35 16.32
C GLY A 151 -0.47 6.07 16.01
N ARG A 152 -0.19 5.34 14.92
CA ARG A 152 1.19 4.95 14.57
C ARG A 152 2.00 6.14 14.04
N ASP A 153 1.32 7.22 13.69
CA ASP A 153 1.98 8.47 13.30
C ASP A 153 3.07 8.33 12.24
N TYR A 154 2.83 7.51 11.22
CA TYR A 154 3.86 7.24 10.23
C TYR A 154 3.29 7.67 8.88
N THR A 155 3.90 8.70 8.29
CA THR A 155 3.38 9.35 7.08
C THR A 155 4.31 9.13 5.90
N VAL A 156 3.84 9.47 4.70
CA VAL A 156 4.61 9.13 3.48
C VAL A 156 6.07 9.61 3.46
N ASP A 157 6.29 10.79 3.99
CA ASP A 157 7.61 11.38 4.04
C ASP A 157 8.53 10.63 5.00
N ASN A 158 7.98 9.70 5.81
CA ASN A 158 8.80 8.91 6.74
C ASN A 158 9.43 7.69 6.04
N MET A 159 8.97 7.33 4.85
CA MET A 159 9.46 6.09 4.22
C MET A 159 10.85 6.31 3.74
N PRO A 160 11.72 5.32 3.93
CA PRO A 160 13.05 5.47 3.35
C PRO A 160 13.00 5.11 1.85
N VAL A 161 12.41 6.01 1.04
CA VAL A 161 12.13 5.68 -0.35
C VAL A 161 13.31 5.17 -1.15
N ASP A 162 14.52 5.64 -0.84
CA ASP A 162 15.67 5.33 -1.66
C ASP A 162 16.11 3.89 -1.47
N ASN A 163 15.60 3.25 -0.41
CA ASN A 163 15.88 1.88 -0.12
C ASN A 163 14.79 0.93 -0.62
N LEU A 164 13.93 1.45 -1.47
CA LEU A 164 12.70 0.71 -1.88
C LEU A 164 12.58 0.71 -3.40
N THR A 165 12.11 -0.37 -4.02
CA THR A 165 11.80 -0.29 -5.45
C THR A 165 10.27 -0.28 -5.60
N HIS A 166 9.60 -0.84 -4.60
CA HIS A 166 8.15 -0.99 -4.67
C HIS A 166 7.47 -0.61 -3.39
N ILE A 167 6.44 0.25 -3.49
CA ILE A 167 5.53 0.58 -2.37
CA ILE A 167 5.56 0.49 -2.35
C ILE A 167 4.16 -0.01 -2.66
N LEU A 168 3.70 -0.93 -1.82
CA LEU A 168 2.34 -1.47 -1.91
C LEU A 168 1.43 -0.71 -0.91
N TYR A 169 0.36 -0.13 -1.42
CA TYR A 169 -0.46 0.69 -0.61
C TYR A 169 -1.65 -0.12 -0.09
N GLY A 170 -1.60 -0.41 1.22
CA GLY A 170 -2.61 -1.24 1.90
C GLY A 170 -3.68 -0.41 2.59
N PHE A 171 -4.97 -0.74 2.36
CA PHE A 171 -5.46 -1.65 1.30
C PHE A 171 -6.64 -0.98 0.60
N ILE A 172 -6.92 -1.42 -0.63
CA ILE A 172 -8.12 -0.96 -1.33
C ILE A 172 -9.24 -1.99 -1.21
N PRO A 173 -10.39 -1.61 -0.61
CA PRO A 173 -11.48 -2.57 -0.52
C PRO A 173 -12.32 -2.70 -1.81
N ILE A 174 -13.22 -3.69 -1.81
CA ILE A 174 -14.19 -3.93 -2.90
C ILE A 174 -15.60 -3.91 -2.30
N CYS A 175 -16.48 -3.07 -2.82
CA CYS A 175 -17.88 -3.12 -2.43
C CYS A 175 -18.52 -4.48 -2.58
N GLY A 176 -19.49 -4.77 -1.71
CA GLY A 176 -20.24 -6.04 -1.75
C GLY A 176 -20.22 -6.80 -0.44
N PRO A 177 -20.23 -8.14 -0.47
CA PRO A 177 -20.19 -8.87 0.81
C PRO A 177 -18.89 -8.62 1.61
N ASN A 178 -19.05 -8.25 2.89
CA ASN A 178 -17.88 -7.81 3.64
C ASN A 178 -18.09 -8.05 5.09
N GLU A 179 -18.86 -9.09 5.41
CA GLU A 179 -18.99 -9.58 6.79
C GLU A 179 -17.66 -9.68 7.62
N SER A 180 -16.60 -10.18 6.99
CA SER A 180 -15.28 -10.20 7.60
C SER A 180 -14.77 -8.87 8.14
N VAL A 181 -15.12 -7.79 7.44
CA VAL A 181 -14.79 -6.45 7.85
C VAL A 181 -15.60 -6.05 9.07
N LYS A 182 -16.87 -6.45 9.09
CA LYS A 182 -17.72 -6.15 10.23
C LYS A 182 -17.14 -6.81 11.50
N SER A 183 -16.66 -8.06 11.39
CA SER A 183 -16.22 -8.88 12.58
C SER A 183 -14.96 -8.36 13.22
N VAL A 184 -14.24 -7.51 12.48
CA VAL A 184 -13.04 -6.87 12.98
C VAL A 184 -13.39 -5.71 14.02
N GLY A 185 -14.63 -5.25 14.03
CA GLY A 185 -14.94 -4.13 14.97
C GLY A 185 -14.41 -2.75 14.56
N GLY A 186 -14.38 -1.80 15.50
CA GLY A 186 -14.08 -0.42 15.12
C GLY A 186 -14.97 0.20 13.99
N ASN A 187 -14.38 1.16 13.30
CA ASN A 187 -15.11 1.93 12.32
C ASN A 187 -14.90 1.40 10.91
N SER A 188 -14.01 0.43 10.75
CA SER A 188 -13.69 -0.09 9.39
C SER A 188 -14.89 -0.49 8.49
N PHE A 189 -15.91 -1.13 9.05
CA PHE A 189 -17.10 -1.56 8.25
C PHE A 189 -18.04 -0.42 7.91
N ASN A 190 -18.28 0.44 8.88
CA ASN A 190 -19.11 1.61 8.71
C ASN A 190 -18.54 2.53 7.60
N ALA A 191 -17.23 2.83 7.68
CA ALA A 191 -16.49 3.59 6.66
C ALA A 191 -16.71 2.96 5.28
N LEU A 192 -16.59 1.64 5.18
CA LEU A 192 -16.78 0.90 3.90
C LEU A 192 -18.23 1.02 3.45
N GLN A 193 -19.17 0.89 4.37
CA GLN A 193 -20.56 1.01 3.96
C GLN A 193 -20.82 2.39 3.35
N THR A 194 -20.26 3.44 3.99
CA THR A 194 -20.35 4.81 3.50
C THR A 194 -19.71 4.95 2.13
N ALA A 195 -18.46 4.46 1.95
CA ALA A 195 -17.78 4.54 0.66
C ALA A 195 -18.58 3.90 -0.49
N CYS A 196 -19.31 2.83 -0.17
CA CYS A 196 -20.02 2.05 -1.17
C CYS A 196 -21.47 2.49 -1.50
N ARG A 197 -21.95 3.55 -0.84
CA ARG A 197 -23.24 4.11 -1.15
C ARG A 197 -23.30 4.62 -2.56
N GLY A 198 -24.29 4.19 -3.33
CA GLY A 198 -24.38 4.60 -4.71
C GLY A 198 -23.29 3.96 -5.57
N VAL A 199 -22.54 2.98 -5.04
CA VAL A 199 -21.51 2.27 -5.86
C VAL A 199 -21.94 0.83 -6.16
N ASN A 200 -21.73 0.35 -7.41
CA ASN A 200 -22.04 -1.08 -7.68
C ASN A 200 -21.20 -2.10 -6.92
N ASP A 201 -21.78 -3.26 -6.59
CA ASP A 201 -20.97 -4.31 -6.00
C ASP A 201 -19.80 -4.67 -6.94
N TYR A 202 -18.67 -5.07 -6.34
CA TYR A 202 -17.45 -5.53 -7.06
C TYR A 202 -16.60 -4.41 -7.67
N GLU A 203 -16.89 -3.16 -7.31
CA GLU A 203 -16.03 -2.10 -7.77
C GLU A 203 -15.14 -1.72 -6.61
N VAL A 204 -13.93 -1.24 -6.91
CA VAL A 204 -13.04 -0.73 -5.84
C VAL A 204 -13.46 0.68 -5.34
N VAL A 205 -13.22 0.94 -4.05
CA VAL A 205 -13.38 2.30 -3.51
C VAL A 205 -12.23 2.68 -2.60
N ILE A 206 -12.03 3.98 -2.34
CA ILE A 206 -11.14 4.38 -1.28
C ILE A 206 -11.75 4.08 0.07
N HIS A 207 -11.03 3.38 0.94
CA HIS A 207 -11.58 3.07 2.26
C HIS A 207 -11.77 4.30 3.17
N ASP A 208 -10.75 5.14 3.24
CA ASP A 208 -10.66 6.23 4.22
C ASP A 208 -10.24 7.48 3.44
N PRO A 209 -11.22 8.23 2.92
CA PRO A 209 -10.79 9.37 2.06
C PRO A 209 -10.11 10.48 2.83
N TRP A 210 -10.33 10.55 4.12
CA TRP A 210 -9.64 11.47 4.96
C TRP A 210 -8.11 11.18 4.92
N ALA A 211 -7.71 9.95 5.26
CA ALA A 211 -6.33 9.56 5.11
C ALA A 211 -5.80 9.69 3.67
N ALA A 212 -6.64 9.43 2.66
CA ALA A 212 -6.16 9.33 1.28
C ALA A 212 -5.92 10.67 0.57
N TYR A 213 -6.88 11.60 0.67
CA TYR A 213 -6.79 12.87 -0.07
C TYR A 213 -7.33 14.12 0.64
N GLN A 214 -7.91 13.97 1.84
CA GLN A 214 -8.44 15.16 2.60
C GLN A 214 -7.50 15.73 3.66
N LYS A 215 -6.80 14.87 4.41
CA LYS A 215 -6.04 15.39 5.52
C LYS A 215 -4.93 16.30 5.03
N SER A 216 -4.82 17.50 5.64
CA SER A 216 -3.76 18.48 5.34
C SER A 216 -2.46 18.18 6.07
N PHE A 217 -1.38 17.94 5.33
CA PHE A 217 -0.07 17.66 5.89
C PHE A 217 0.88 18.86 5.72
N PRO A 218 1.28 19.51 6.84
CA PRO A 218 2.14 20.75 6.78
C PRO A 218 3.48 20.45 6.15
N GLN A 219 4.06 19.29 6.51
CA GLN A 219 5.33 18.92 5.94
C GLN A 219 5.24 18.87 4.43
N ALA A 220 4.07 18.68 3.85
CA ALA A 220 3.99 18.59 2.38
C ALA A 220 3.64 19.95 1.74
N GLY A 221 3.49 20.99 2.57
CA GLY A 221 3.05 22.30 2.06
C GLY A 221 1.59 22.35 1.65
N HIS A 222 0.75 21.53 2.29
CA HIS A 222 -0.69 21.63 2.01
C HIS A 222 -1.26 22.90 2.63
N GLU A 223 -2.26 23.46 1.95
CA GLU A 223 -2.99 24.67 2.40
C GLU A 223 -4.48 24.43 2.19
N TYR A 224 -5.34 25.33 2.69
CA TYR A 224 -6.82 25.18 2.63
C TYR A 224 -7.32 24.83 1.23
N SER A 225 -6.78 25.53 0.21
CA SER A 225 -7.26 25.41 -1.14
CA SER A 225 -7.24 25.41 -1.15
C SER A 225 -6.54 24.33 -1.99
N THR A 226 -5.48 23.66 -1.44
CA THR A 226 -4.79 22.54 -2.16
C THR A 226 -5.87 21.52 -2.60
N PRO A 227 -6.04 21.33 -3.92
CA PRO A 227 -7.09 20.47 -4.49
C PRO A 227 -6.94 18.95 -4.17
N ILE A 228 -5.72 18.54 -3.83
CA ILE A 228 -5.42 17.15 -3.47
C ILE A 228 -4.49 17.24 -2.27
N LYS A 229 -4.84 16.50 -1.22
CA LYS A 229 -4.08 16.40 0.01
C LYS A 229 -3.91 14.91 0.39
N GLY A 230 -3.86 14.60 1.69
CA GLY A 230 -3.76 13.23 2.20
C GLY A 230 -2.52 12.44 1.75
N ASN A 231 -2.56 11.13 2.00
CA ASN A 231 -1.44 10.24 1.61
C ASN A 231 -1.15 10.33 0.10
N TYR A 232 -2.18 10.49 -0.70
CA TYR A 232 -2.07 10.37 -2.18
C TYR A 232 -1.33 11.56 -2.82
N ALA A 233 -1.59 12.78 -2.35
CA ALA A 233 -0.82 13.95 -2.83
C ALA A 233 0.63 13.81 -2.41
N MET A 234 0.89 13.33 -1.21
CA MET A 234 2.28 13.05 -0.81
C MET A 234 2.94 11.96 -1.64
N LEU A 235 2.19 10.90 -1.97
CA LEU A 235 2.69 9.91 -2.90
C LEU A 235 2.90 10.50 -4.29
N MET A 236 2.07 11.45 -4.71
CA MET A 236 2.29 12.06 -6.03
C MET A 236 3.62 12.81 -6.02
N ALA A 237 3.89 13.50 -4.91
CA ALA A 237 5.10 14.35 -4.76
C ALA A 237 6.34 13.45 -4.59
N LEU A 238 6.12 12.30 -3.95
CA LEU A 238 7.12 11.25 -3.80
C LEU A 238 7.59 10.74 -5.22
N LYS A 239 6.64 10.44 -6.11
CA LYS A 239 6.96 10.12 -7.50
CA LYS A 239 6.97 10.11 -7.50
C LYS A 239 7.77 11.22 -8.18
N GLN A 240 7.52 12.48 -7.81
CA GLN A 240 8.34 13.57 -8.40
C GLN A 240 9.79 13.45 -7.96
N ARG A 241 9.99 13.02 -6.71
CA ARG A 241 11.34 12.89 -6.17
C ARG A 241 12.05 11.62 -6.72
N ASN A 242 11.30 10.53 -6.87
CA ASN A 242 11.85 9.21 -7.19
C ASN A 242 11.11 8.61 -8.35
N PRO A 243 11.35 9.15 -9.56
CA PRO A 243 10.51 8.72 -10.69
C PRO A 243 10.48 7.20 -11.04
N ASP A 244 11.48 6.42 -10.62
CA ASP A 244 11.50 4.97 -10.95
C ASP A 244 10.89 4.07 -9.86
N LEU A 245 10.43 4.68 -8.78
CA LEU A 245 9.78 4.00 -7.70
C LEU A 245 8.41 3.53 -8.20
N LYS A 246 8.10 2.24 -8.05
CA LYS A 246 6.75 1.75 -8.38
C LYS A 246 5.85 1.86 -7.16
N ILE A 247 4.65 2.42 -7.34
CA ILE A 247 3.69 2.56 -6.25
C ILE A 247 2.42 1.90 -6.75
N ILE A 248 1.94 0.95 -5.96
CA ILE A 248 0.97 0.01 -6.48
C ILE A 248 -0.10 -0.18 -5.41
N PRO A 249 -1.40 -0.01 -5.78
CA PRO A 249 -2.47 -0.15 -4.75
C PRO A 249 -2.63 -1.62 -4.45
N SER A 250 -2.82 -1.96 -3.20
CA SER A 250 -3.01 -3.35 -2.89
C SER A 250 -4.47 -3.64 -2.58
N ILE A 251 -5.09 -4.50 -3.38
CA ILE A 251 -6.56 -4.68 -3.31
C ILE A 251 -6.88 -5.88 -2.45
N GLY A 252 -7.63 -5.71 -1.36
CA GLY A 252 -8.08 -6.81 -0.56
C GLY A 252 -7.31 -6.94 0.73
N GLY A 253 -6.53 -8.00 0.88
CA GLY A 253 -5.78 -8.21 2.12
C GLY A 253 -6.60 -9.21 2.94
N GLY A 254 -6.12 -9.55 4.13
CA GLY A 254 -6.79 -10.59 4.97
C GLY A 254 -8.26 -10.32 5.29
N THR A 255 -8.54 -9.09 5.70
CA THR A 255 -9.92 -8.76 6.06
C THR A 255 -10.87 -8.29 4.95
N LEU A 256 -10.33 -7.70 3.88
CA LEU A 256 -11.14 -7.14 2.77
C LEU A 256 -11.33 -8.05 1.55
N SER A 257 -11.13 -9.36 1.76
CA SER A 257 -11.19 -10.33 0.68
C SER A 257 -12.56 -10.98 0.40
N ASP A 258 -13.60 -10.78 1.22
CA ASP A 258 -14.86 -11.53 0.98
C ASP A 258 -15.36 -11.41 -0.49
N PRO A 259 -15.28 -10.19 -1.11
CA PRO A 259 -15.87 -10.13 -2.44
C PRO A 259 -15.20 -11.00 -3.47
N PHE A 260 -13.92 -11.36 -3.29
CA PHE A 260 -13.26 -12.21 -4.29
C PHE A 260 -13.92 -13.57 -4.46
N TYR A 261 -14.61 -14.10 -3.44
CA TYR A 261 -15.16 -15.47 -3.55
C TYR A 261 -16.29 -15.54 -4.58
N ASP A 262 -16.71 -14.38 -5.12
CA ASP A 262 -17.80 -14.31 -6.09
C ASP A 262 -17.18 -14.03 -7.46
N PHE A 263 -15.85 -14.12 -7.56
CA PHE A 263 -15.20 -13.92 -8.86
C PHE A 263 -15.31 -15.16 -9.72
N VAL A 264 -15.86 -16.24 -9.16
CA VAL A 264 -16.27 -17.35 -9.99
C VAL A 264 -17.28 -16.93 -11.11
N ASP A 265 -18.06 -15.86 -10.86
CA ASP A 265 -18.95 -15.27 -11.89
C ASP A 265 -18.19 -14.19 -12.70
N LYS A 266 -17.98 -14.40 -13.99
CA LYS A 266 -17.28 -13.42 -14.80
C LYS A 266 -17.92 -12.00 -14.85
N LYS A 267 -19.26 -11.89 -14.78
CA LYS A 267 -19.88 -10.55 -14.66
C LYS A 267 -19.20 -9.70 -13.56
N ASN A 268 -19.01 -10.30 -12.38
CA ASN A 268 -18.35 -9.67 -11.23
C ASN A 268 -16.87 -9.37 -11.50
N ARG A 269 -16.17 -10.28 -12.18
CA ARG A 269 -14.80 -9.95 -12.63
C ARG A 269 -14.79 -8.74 -13.58
N ASP A 270 -15.66 -8.77 -14.60
CA ASP A 270 -15.77 -7.66 -15.57
C ASP A 270 -15.94 -6.31 -14.88
N THR A 271 -16.88 -6.29 -13.94
CA THR A 271 -17.17 -5.09 -13.14
C THR A 271 -15.94 -4.59 -12.40
N PHE A 272 -15.32 -5.49 -11.66
CA PHE A 272 -14.08 -5.21 -10.92
C PHE A 272 -12.96 -4.69 -11.80
N VAL A 273 -12.63 -5.46 -12.81
CA VAL A 273 -11.55 -5.07 -13.76
C VAL A 273 -11.79 -3.65 -14.39
N ALA A 274 -13.01 -3.37 -14.89
CA ALA A 274 -13.41 -2.05 -15.32
C ALA A 274 -13.16 -1.02 -14.22
N SER A 275 -13.52 -1.34 -12.97
CA SER A 275 -13.37 -0.35 -11.94
C SER A 275 -11.88 -0.08 -11.63
N VAL A 276 -11.06 -1.12 -11.76
CA VAL A 276 -9.62 -0.99 -11.62
C VAL A 276 -9.01 -0.12 -12.71
N LYS A 277 -9.51 -0.25 -13.93
CA LYS A 277 -9.04 0.62 -15.00
C LYS A 277 -9.34 2.11 -14.70
N LYS A 278 -10.57 2.40 -14.24
CA LYS A 278 -10.98 3.78 -14.01
C LYS A 278 -10.19 4.32 -12.84
N PHE A 279 -9.90 3.45 -11.86
CA PHE A 279 -9.06 3.81 -10.69
C PHE A 279 -7.69 4.27 -11.10
N LEU A 280 -7.10 3.55 -12.04
CA LEU A 280 -5.74 3.93 -12.50
C LEU A 280 -5.71 5.14 -13.43
N LYS A 281 -6.81 5.42 -14.12
CA LYS A 281 -6.94 6.64 -14.92
C LYS A 281 -7.30 7.84 -14.09
N THR A 282 -7.92 7.59 -12.93
CA THR A 282 -8.26 8.64 -11.98
C THR A 282 -6.99 9.04 -11.15
N TRP A 283 -6.26 8.01 -10.70
CA TRP A 283 -5.11 8.14 -9.75
C TRP A 283 -3.83 7.71 -10.44
N LYS A 284 -3.21 8.65 -11.12
CA LYS A 284 -2.17 8.38 -12.08
C LYS A 284 -0.82 8.14 -11.50
N PHE A 285 -0.61 8.48 -10.22
CA PHE A 285 0.69 8.12 -9.59
C PHE A 285 0.86 6.57 -9.49
N TYR A 286 -0.22 5.83 -9.50
CA TYR A 286 -0.17 4.39 -9.37
C TYR A 286 0.36 3.66 -10.63
N ASP A 287 1.25 2.68 -10.41
CA ASP A 287 1.93 2.01 -11.50
C ASP A 287 1.48 0.59 -11.82
N GLY A 288 0.31 0.18 -11.33
CA GLY A 288 -0.23 -1.14 -11.64
C GLY A 288 -1.22 -1.57 -10.59
N VAL A 289 -1.35 -2.86 -10.36
CA VAL A 289 -2.27 -3.33 -9.32
C VAL A 289 -1.73 -4.58 -8.71
N ASP A 290 -2.00 -4.77 -7.42
CA ASP A 290 -1.57 -5.92 -6.62
C ASP A 290 -2.84 -6.56 -6.03
N ILE A 291 -3.01 -7.88 -6.22
CA ILE A 291 -4.20 -8.58 -5.81
C ILE A 291 -3.82 -9.40 -4.57
N ASP A 292 -4.36 -8.99 -3.40
CA ASP A 292 -4.20 -9.74 -2.17
C ASP A 292 -5.45 -10.54 -1.78
N TRP A 293 -5.74 -11.61 -2.53
CA TRP A 293 -6.95 -12.39 -2.29
C TRP A 293 -6.55 -13.43 -1.23
N GLU A 294 -7.07 -13.28 -0.02
CA GLU A 294 -6.67 -14.15 1.09
CA GLU A 294 -6.65 -14.20 1.01
C GLU A 294 -7.89 -14.95 1.49
N PHE A 295 -8.17 -16.13 0.88
CA PHE A 295 -7.35 -16.90 -0.11
C PHE A 295 -8.29 -17.73 -1.04
N PRO A 296 -7.90 -17.94 -2.33
CA PRO A 296 -8.54 -18.96 -3.16
C PRO A 296 -8.62 -20.35 -2.46
N GLY A 297 -9.81 -20.93 -2.51
CA GLY A 297 -10.19 -22.16 -1.80
C GLY A 297 -10.58 -21.97 -0.34
N GLY A 298 -10.37 -20.77 0.24
CA GLY A 298 -10.80 -20.45 1.61
C GLY A 298 -9.73 -20.63 2.67
N GLY A 299 -10.17 -21.02 3.89
CA GLY A 299 -9.31 -21.08 5.06
C GLY A 299 -8.77 -19.71 5.43
N GLY A 300 -9.47 -18.63 5.04
CA GLY A 300 -9.14 -17.26 5.50
C GLY A 300 -10.14 -16.69 6.49
N ALA A 301 -10.23 -15.36 6.58
CA ALA A 301 -11.17 -14.67 7.49
C ALA A 301 -12.63 -15.11 7.29
N ALA A 302 -13.01 -15.40 6.05
CA ALA A 302 -14.39 -15.76 5.74
C ALA A 302 -14.58 -17.31 5.92
N ALA A 303 -15.10 -17.67 7.09
CA ALA A 303 -15.20 -19.06 7.47
C ALA A 303 -16.19 -19.85 6.58
N ASP A 304 -17.28 -19.18 6.15
CA ASP A 304 -18.31 -19.75 5.28
C ASP A 304 -18.00 -19.68 3.77
N LYS A 305 -16.83 -19.20 3.38
CA LYS A 305 -16.52 -19.05 1.98
C LYS A 305 -15.22 -19.73 1.54
N GLY A 306 -15.07 -19.89 0.22
CA GLY A 306 -13.93 -20.56 -0.38
C GLY A 306 -14.38 -21.77 -1.21
N ASP A 307 -13.92 -21.82 -2.44
CA ASP A 307 -14.24 -22.94 -3.33
C ASP A 307 -12.93 -23.54 -3.90
N PRO A 308 -12.43 -24.66 -3.30
CA PRO A 308 -11.20 -25.30 -3.80
C PRO A 308 -11.25 -25.78 -5.25
N VAL A 309 -12.43 -25.87 -5.87
CA VAL A 309 -12.49 -26.36 -7.28
C VAL A 309 -12.40 -25.17 -8.24
N ASN A 310 -13.16 -24.12 -7.96
CA ASN A 310 -13.31 -22.99 -8.88
C ASN A 310 -12.52 -21.71 -8.57
N ASP A 311 -12.13 -21.48 -7.32
CA ASP A 311 -11.37 -20.29 -6.97
C ASP A 311 -10.09 -20.15 -7.76
N GLY A 312 -9.38 -21.26 -7.95
CA GLY A 312 -8.07 -21.21 -8.61
C GLY A 312 -8.22 -20.80 -10.07
N PRO A 313 -9.20 -21.39 -10.79
CA PRO A 313 -9.42 -20.93 -12.19
C PRO A 313 -9.94 -19.48 -12.32
N ALA A 314 -10.83 -19.09 -11.40
CA ALA A 314 -11.22 -17.64 -11.24
C ALA A 314 -10.00 -16.73 -11.04
N TYR A 315 -9.08 -17.13 -10.16
CA TYR A 315 -7.88 -16.34 -9.95
C TYR A 315 -7.05 -16.19 -11.22
N ILE A 316 -6.82 -17.31 -11.92
CA ILE A 316 -6.10 -17.31 -13.21
C ILE A 316 -6.79 -16.42 -14.25
N ALA A 317 -8.12 -16.57 -14.43
CA ALA A 317 -8.84 -15.75 -15.41
C ALA A 317 -8.86 -14.27 -15.01
N LEU A 318 -9.01 -14.02 -13.70
CA LEU A 318 -8.78 -12.64 -13.16
C LEU A 318 -7.40 -12.06 -13.58
N MET A 319 -6.36 -12.87 -13.48
CA MET A 319 -5.04 -12.35 -13.81
C MET A 319 -4.95 -12.09 -15.31
N ARG A 320 -5.54 -12.96 -16.13
CA ARG A 320 -5.50 -12.75 -17.60
C ARG A 320 -6.26 -11.46 -17.93
N GLU A 321 -7.46 -11.30 -17.36
CA GLU A 321 -8.33 -10.18 -17.67
C GLU A 321 -7.75 -8.85 -17.13
N LEU A 322 -7.10 -8.88 -15.97
CA LEU A 322 -6.37 -7.68 -15.52
C LEU A 322 -5.25 -7.33 -16.48
N ARG A 323 -4.49 -8.33 -16.95
CA ARG A 323 -3.38 -8.10 -17.86
C ARG A 323 -3.86 -7.54 -19.21
N VAL A 324 -5.00 -8.02 -19.70
CA VAL A 324 -5.61 -7.41 -20.91
C VAL A 324 -5.92 -5.91 -20.70
N MET A 325 -6.49 -5.55 -19.55
CA MET A 325 -6.85 -4.18 -19.26
C MET A 325 -5.62 -3.31 -19.11
N LEU A 326 -4.58 -3.85 -18.48
CA LEU A 326 -3.36 -3.13 -18.26
C LEU A 326 -2.60 -2.83 -19.54
N ASP A 327 -2.60 -3.77 -20.48
CA ASP A 327 -2.12 -3.58 -21.83
C ASP A 327 -2.85 -2.43 -22.57
N GLU A 328 -4.17 -2.33 -22.36
CA GLU A 328 -4.90 -1.17 -22.89
C GLU A 328 -4.32 0.12 -22.31
N LEU A 329 -4.10 0.16 -21.00
CA LEU A 329 -3.58 1.37 -20.37
C LEU A 329 -2.17 1.68 -20.84
N GLU A 330 -1.31 0.66 -20.96
CA GLU A 330 0.06 0.89 -21.49
C GLU A 330 0.02 1.49 -22.93
N ALA A 331 -0.92 1.01 -23.73
CA ALA A 331 -1.12 1.50 -25.10
C ALA A 331 -1.56 2.99 -25.11
N GLU A 332 -2.50 3.34 -24.22
CA GLU A 332 -3.08 4.70 -24.18
C GLU A 332 -2.17 5.73 -23.55
N THR A 333 -1.23 5.29 -22.74
CA THR A 333 -0.39 6.19 -21.93
C THR A 333 1.07 6.14 -22.30
N GLY A 334 1.52 5.06 -22.94
CA GLY A 334 2.93 4.88 -23.17
C GLY A 334 3.71 4.43 -21.93
N ARG A 335 2.99 4.15 -20.82
CA ARG A 335 3.66 3.73 -19.55
C ARG A 335 3.76 2.21 -19.47
N THR A 336 4.56 1.71 -18.54
CA THR A 336 4.57 0.27 -18.21
C THR A 336 3.72 0.07 -16.96
N TYR A 337 2.72 -0.83 -17.03
CA TYR A 337 1.94 -1.23 -15.85
C TYR A 337 2.24 -2.63 -15.31
N GLU A 338 2.42 -2.75 -14.00
CA GLU A 338 2.69 -4.04 -13.37
C GLU A 338 1.48 -4.75 -12.75
N LEU A 339 1.47 -6.09 -12.84
CA LEU A 339 0.45 -6.94 -12.20
C LEU A 339 1.10 -7.89 -11.18
N THR A 340 0.66 -7.84 -9.91
CA THR A 340 1.35 -8.57 -8.83
C THR A 340 0.33 -9.17 -7.91
N SER A 341 0.80 -10.01 -6.98
CA SER A 341 -0.11 -10.67 -6.11
C SER A 341 0.61 -11.17 -4.86
N ALA A 342 0.04 -10.89 -3.68
CA ALA A 342 0.57 -11.45 -2.42
C ALA A 342 -0.27 -12.67 -2.07
N ILE A 343 0.42 -13.75 -1.70
CA ILE A 343 -0.22 -15.10 -1.59
C ILE A 343 0.21 -15.85 -0.35
N GLY A 344 -0.70 -16.70 0.11
CA GLY A 344 -0.43 -17.62 1.16
C GLY A 344 0.45 -18.74 0.64
N VAL A 345 1.30 -19.26 1.52
CA VAL A 345 2.26 -20.28 1.10
C VAL A 345 2.24 -21.54 1.98
N GLY A 346 1.18 -21.77 2.78
CA GLY A 346 0.99 -23.09 3.29
C GLY A 346 0.72 -24.00 2.08
N TYR A 347 1.19 -25.24 2.12
CA TYR A 347 0.81 -26.26 1.10
C TYR A 347 -0.68 -26.22 0.77
N ASP A 348 -1.57 -26.10 1.78
CA ASP A 348 -3.05 -26.14 1.55
C ASP A 348 -3.58 -24.91 0.82
N LYS A 349 -2.85 -23.79 0.87
CA LYS A 349 -3.22 -22.60 0.05
C LYS A 349 -2.71 -22.78 -1.37
N ILE A 350 -1.43 -23.16 -1.50
CA ILE A 350 -0.77 -23.20 -2.83
C ILE A 350 -1.43 -24.20 -3.80
N GLU A 351 -1.93 -25.32 -3.24
CA GLU A 351 -2.48 -26.45 -3.99
C GLU A 351 -3.79 -26.09 -4.73
N ASP A 352 -4.43 -24.99 -4.34
CA ASP A 352 -5.73 -24.60 -4.88
C ASP A 352 -5.55 -23.65 -6.03
N VAL A 353 -4.31 -23.38 -6.43
CA VAL A 353 -4.08 -22.52 -7.61
C VAL A 353 -2.96 -23.11 -8.46
N ASP A 354 -3.15 -23.13 -9.77
CA ASP A 354 -2.06 -23.40 -10.66
C ASP A 354 -1.34 -22.07 -10.94
N TYR A 355 -0.32 -21.76 -10.12
CA TYR A 355 0.43 -20.51 -10.29
C TYR A 355 1.34 -20.49 -11.53
N ALA A 356 1.81 -21.64 -11.96
CA ALA A 356 2.54 -21.67 -13.23
C ALA A 356 1.70 -21.04 -14.39
N ASP A 357 0.41 -21.33 -14.41
CA ASP A 357 -0.52 -20.75 -15.34
C ASP A 357 -0.72 -19.24 -15.06
N ALA A 358 -1.17 -18.90 -13.82
CA ALA A 358 -1.37 -17.50 -13.39
C ALA A 358 -0.16 -16.59 -13.58
N VAL A 359 1.06 -17.08 -13.32
CA VAL A 359 2.22 -16.16 -13.28
C VAL A 359 2.58 -15.70 -14.68
N GLN A 360 2.17 -16.44 -15.75
CA GLN A 360 2.49 -15.97 -17.12
C GLN A 360 1.95 -14.59 -17.37
N TYR A 361 0.87 -14.22 -16.67
CA TYR A 361 0.28 -12.89 -16.81
C TYR A 361 0.88 -11.84 -15.89
N MET A 362 1.72 -12.30 -14.95
CA MET A 362 2.08 -11.49 -13.79
C MET A 362 3.53 -11.08 -13.78
N ASP A 363 3.81 -9.94 -13.18
CA ASP A 363 5.19 -9.53 -13.01
C ASP A 363 5.88 -10.20 -11.81
N TYR A 364 5.22 -10.22 -10.66
CA TYR A 364 5.76 -10.77 -9.42
C TYR A 364 4.70 -11.44 -8.59
N ILE A 365 5.10 -12.50 -7.87
CA ILE A 365 4.32 -13.04 -6.78
C ILE A 365 5.01 -12.66 -5.44
N PHE A 366 4.31 -11.94 -4.58
CA PHE A 366 4.80 -11.66 -3.21
C PHE A 366 4.42 -12.80 -2.30
N ALA A 367 5.40 -13.63 -2.00
CA ALA A 367 5.18 -14.84 -1.19
C ALA A 367 5.07 -14.46 0.27
N MET A 368 3.87 -14.51 0.83
CA MET A 368 3.66 -14.16 2.25
CA MET A 368 3.66 -14.15 2.25
C MET A 368 4.30 -15.17 3.16
N THR A 369 5.64 -15.14 3.25
CA THR A 369 6.35 -16.14 4.09
C THR A 369 6.39 -15.56 5.53
N TYR A 370 5.19 -15.34 6.06
CA TYR A 370 5.04 -14.95 7.47
C TYR A 370 3.66 -15.42 7.97
N ASP A 371 3.31 -15.09 9.21
CA ASP A 371 2.11 -15.63 9.83
C ASP A 371 2.04 -17.15 9.81
N PHE A 372 3.15 -17.85 9.92
CA PHE A 372 3.06 -19.31 9.96
C PHE A 372 2.43 -19.78 11.25
N TYR A 373 2.65 -19.02 12.33
CA TYR A 373 2.17 -19.37 13.69
C TYR A 373 1.78 -18.05 14.35
N GLY A 374 0.94 -18.09 15.36
CA GLY A 374 0.51 -16.83 16.02
C GLY A 374 -0.52 -17.03 17.14
N GLY A 375 -0.98 -15.92 17.70
CA GLY A 375 -1.78 -15.95 18.89
C GLY A 375 -3.21 -16.39 18.66
N TRP A 376 -3.61 -16.61 17.40
CA TRP A 376 -4.90 -17.21 17.18
C TRP A 376 -5.09 -18.61 17.84
N ASN A 377 -4.01 -19.31 18.20
CA ASN A 377 -4.15 -20.46 19.09
C ASN A 377 -2.99 -20.49 20.07
N ASN A 378 -2.92 -21.54 20.88
CA ASN A 378 -1.88 -21.64 21.91
C ASN A 378 -0.65 -22.49 21.59
N VAL A 379 -0.43 -22.74 20.30
CA VAL A 379 0.71 -23.55 19.90
C VAL A 379 1.82 -22.61 19.45
N PRO A 380 2.89 -22.49 20.23
CA PRO A 380 3.98 -21.64 19.77
C PRO A 380 4.67 -22.19 18.50
N GLY A 381 5.25 -21.31 17.69
CA GLY A 381 6.13 -21.74 16.59
C GLY A 381 6.76 -20.52 15.96
N HIS A 382 7.56 -20.70 14.91
CA HIS A 382 8.24 -19.57 14.29
C HIS A 382 7.33 -19.01 13.24
N GLN A 383 6.94 -17.75 13.41
CA GLN A 383 5.93 -17.21 12.46
C GLN A 383 6.50 -16.96 11.06
N THR A 384 7.84 -16.90 10.91
CA THR A 384 8.35 -16.44 9.65
C THR A 384 9.68 -17.14 9.29
N ALA A 385 9.85 -18.36 9.80
CA ALA A 385 11.10 -19.09 9.63
C ALA A 385 11.34 -19.44 8.14
N LEU A 386 12.59 -19.52 7.80
CA LEU A 386 13.03 -20.05 6.50
C LEU A 386 12.82 -21.57 6.48
N TYR A 387 13.28 -22.25 7.53
CA TYR A 387 13.33 -23.69 7.53
C TYR A 387 12.65 -24.27 8.76
N CYS A 388 12.59 -25.58 8.82
CA CYS A 388 11.86 -26.22 9.90
C CYS A 388 12.63 -26.10 11.22
N GLY A 389 11.95 -25.63 12.23
CA GLY A 389 12.61 -25.42 13.48
C GLY A 389 12.85 -26.68 14.33
N SER A 390 13.69 -26.49 15.32
CA SER A 390 14.02 -27.53 16.21
C SER A 390 12.81 -28.13 16.96
N PHE A 391 11.73 -27.36 17.16
CA PHE A 391 10.56 -27.85 17.93
C PHE A 391 9.71 -28.85 17.15
N MET A 392 9.89 -28.90 15.82
CA MET A 392 9.07 -29.79 15.00
C MET A 392 9.35 -31.26 15.28
N ARG A 393 8.28 -32.04 15.24
CA ARG A 393 8.30 -33.52 15.40
C ARG A 393 8.88 -34.23 14.17
N PRO A 394 9.31 -35.50 14.36
CA PRO A 394 9.77 -36.28 13.20
C PRO A 394 8.65 -36.46 12.16
N GLY A 395 9.04 -36.34 10.90
CA GLY A 395 8.12 -36.34 9.79
C GLY A 395 7.22 -35.12 9.79
N GLN A 396 7.41 -34.16 10.68
CA GLN A 396 6.55 -32.99 10.59
C GLN A 396 6.97 -32.03 9.47
N CYS A 397 8.26 -31.81 9.32
CA CYS A 397 8.82 -30.94 8.26
C CYS A 397 8.29 -31.26 6.86
N ASP A 398 8.40 -32.50 6.40
CA ASP A 398 7.99 -32.81 5.03
C ASP A 398 6.57 -33.32 4.93
N GLY A 399 5.97 -33.57 6.09
CA GLY A 399 4.62 -34.09 6.15
C GLY A 399 4.52 -35.60 6.10
N GLY A 400 5.67 -36.29 6.08
CA GLY A 400 5.72 -37.75 6.19
C GLY A 400 5.08 -38.38 7.42
N GLY A 401 5.09 -37.68 8.56
CA GLY A 401 4.83 -38.32 9.88
C GLY A 401 3.47 -38.18 10.54
N VAL A 402 3.44 -38.30 11.88
CA VAL A 402 2.19 -38.27 12.67
C VAL A 402 2.33 -37.33 13.87
N ASP A 403 1.22 -36.70 14.27
CA ASP A 403 1.24 -35.72 15.37
C ASP A 403 1.20 -36.32 16.78
N GLU A 404 1.03 -35.49 17.80
CA GLU A 404 1.14 -35.96 19.19
C GLU A 404 -0.02 -36.88 19.65
N ASN A 405 -1.06 -36.96 18.80
CA ASN A 405 -2.17 -37.91 18.89
C ASN A 405 -2.02 -39.15 17.99
N GLY A 406 -0.93 -39.24 17.22
CA GLY A 406 -0.80 -40.33 16.25
C GLY A 406 -1.48 -40.08 14.90
N GLU A 407 -1.88 -38.83 14.66
CA GLU A 407 -2.63 -38.48 13.44
C GLU A 407 -1.72 -37.94 12.30
N PRO A 408 -1.82 -38.54 11.07
CA PRO A 408 -0.87 -38.16 9.99
C PRO A 408 -0.86 -36.64 9.73
N TYR A 409 0.32 -36.07 9.48
CA TYR A 409 0.32 -34.69 8.99
C TYR A 409 -0.30 -34.68 7.62
N LYS A 410 -1.01 -33.61 7.34
CA LYS A 410 -1.70 -33.50 6.08
C LYS A 410 -0.81 -32.94 4.99
N GLY A 411 0.27 -32.24 5.37
CA GLY A 411 1.27 -31.79 4.40
C GLY A 411 2.48 -31.13 5.02
N PRO A 412 3.43 -30.65 4.18
CA PRO A 412 4.64 -30.06 4.76
C PRO A 412 4.33 -28.88 5.74
N ALA A 413 5.16 -28.75 6.76
CA ALA A 413 5.09 -27.67 7.72
C ALA A 413 5.09 -26.28 7.07
N TYR A 414 4.60 -25.33 7.83
CA TYR A 414 4.56 -23.93 7.43
C TYR A 414 5.91 -23.27 7.68
N THR A 415 6.73 -23.24 6.60
CA THR A 415 8.02 -22.54 6.58
C THR A 415 8.18 -21.81 5.25
N ALA A 416 9.09 -20.84 5.16
CA ALA A 416 9.29 -20.11 3.90
C ALA A 416 9.75 -21.04 2.82
N ASP A 417 10.79 -21.83 3.14
CA ASP A 417 11.39 -22.78 2.20
C ASP A 417 10.35 -23.78 1.69
N ASN A 418 9.57 -24.39 2.57
CA ASN A 418 8.58 -25.32 2.03
C ASN A 418 7.63 -24.62 1.03
N GLY A 419 7.35 -23.33 1.25
CA GLY A 419 6.39 -22.61 0.42
C GLY A 419 7.01 -22.31 -0.94
N ILE A 420 8.27 -21.84 -0.93
CA ILE A 420 8.94 -21.45 -2.16
C ILE A 420 9.21 -22.69 -3.02
N GLN A 421 9.58 -23.79 -2.35
CA GLN A 421 9.86 -25.06 -3.04
C GLN A 421 8.62 -25.59 -3.78
N LEU A 422 7.46 -25.43 -3.13
CA LEU A 422 6.19 -25.92 -3.68
C LEU A 422 5.81 -25.13 -4.95
N LEU A 423 6.08 -23.83 -4.90
CA LEU A 423 5.81 -22.93 -6.03
C LEU A 423 6.77 -23.22 -7.21
N LEU A 424 8.02 -23.49 -6.90
CA LEU A 424 9.02 -23.83 -7.89
C LEU A 424 8.65 -25.15 -8.53
N ALA A 425 8.13 -26.07 -7.69
CA ALA A 425 7.72 -27.37 -8.12
C ALA A 425 6.51 -27.35 -9.06
N GLN A 426 5.63 -26.36 -8.89
CA GLN A 426 4.50 -26.18 -9.84
C GLN A 426 5.00 -25.66 -11.23
N GLY A 427 6.21 -25.07 -11.31
CA GLY A 427 6.68 -24.45 -12.55
C GLY A 427 6.77 -22.92 -12.52
N VAL A 428 6.63 -22.28 -11.35
CA VAL A 428 6.78 -20.81 -11.29
C VAL A 428 8.27 -20.49 -11.45
N PRO A 429 8.65 -19.51 -12.32
CA PRO A 429 10.10 -19.16 -12.36
C PRO A 429 10.58 -18.45 -11.09
N ALA A 430 11.81 -18.74 -10.70
CA ALA A 430 12.37 -18.13 -9.49
C ALA A 430 12.45 -16.62 -9.65
N ASN A 431 12.74 -16.15 -10.86
CA ASN A 431 12.84 -14.70 -11.02
C ASN A 431 11.52 -13.94 -10.96
N LYS A 432 10.40 -14.62 -10.71
CA LYS A 432 9.15 -13.91 -10.45
C LYS A 432 8.71 -14.00 -8.98
N LEU A 433 9.48 -14.72 -8.14
CA LEU A 433 9.10 -14.92 -6.75
C LEU A 433 9.82 -13.92 -5.84
N VAL A 434 9.04 -13.23 -5.00
CA VAL A 434 9.59 -12.28 -4.02
C VAL A 434 9.37 -12.81 -2.57
N LEU A 435 10.45 -12.97 -1.80
CA LEU A 435 10.40 -13.58 -0.49
C LEU A 435 10.08 -12.57 0.59
N GLY A 436 9.26 -12.94 1.59
CA GLY A 436 8.77 -11.87 2.49
C GLY A 436 9.45 -11.87 3.84
N THR A 437 9.71 -10.66 4.32
CA THR A 437 10.29 -10.44 5.62
CA THR A 437 10.26 -10.52 5.66
C THR A 437 9.22 -9.82 6.53
N ALA A 438 9.27 -10.12 7.84
CA ALA A 438 8.34 -9.57 8.86
C ALA A 438 8.98 -8.40 9.62
N MET A 439 8.32 -7.23 9.57
CA MET A 439 8.72 -6.10 10.44
C MET A 439 7.87 -6.06 11.73
N TYR A 440 7.38 -7.21 12.16
CA TYR A 440 6.56 -7.28 13.38
C TYR A 440 6.70 -8.67 13.94
N GLY A 441 6.44 -8.86 15.22
CA GLY A 441 6.39 -10.19 15.76
C GLY A 441 4.95 -10.59 16.05
N ARG A 442 4.72 -11.88 16.22
CA ARG A 442 3.52 -12.35 16.85
C ARG A 442 3.97 -12.98 18.14
N GLY A 443 3.06 -13.12 19.10
CA GLY A 443 3.42 -13.74 20.36
C GLY A 443 2.27 -14.14 21.30
N TRP A 444 2.64 -14.73 22.42
CA TRP A 444 1.72 -15.37 23.38
C TRP A 444 2.07 -14.94 24.80
N GLU A 445 1.20 -15.30 25.74
CA GLU A 445 1.47 -15.17 27.16
C GLU A 445 1.38 -16.59 27.69
N GLY A 446 1.86 -16.80 28.93
CA GLY A 446 1.73 -18.06 29.65
C GLY A 446 2.55 -19.27 29.19
N VAL A 447 3.53 -19.07 28.32
CA VAL A 447 4.48 -20.15 27.89
C VAL A 447 5.66 -20.20 28.92
N THR A 448 5.38 -20.75 30.10
CA THR A 448 6.34 -20.74 31.20
C THR A 448 7.12 -22.05 31.18
N PRO A 449 8.30 -22.11 31.82
CA PRO A 449 9.17 -23.30 31.74
C PRO A 449 8.49 -24.65 32.00
N ASP A 450 7.58 -24.74 32.96
CA ASP A 450 6.83 -25.99 33.15
C ASP A 450 5.98 -26.47 31.94
N THR A 451 5.95 -25.72 30.85
CA THR A 451 5.12 -26.19 29.73
C THR A 451 5.98 -26.81 28.63
N LEU A 452 7.29 -26.63 28.76
CA LEU A 452 8.23 -26.98 27.68
C LEU A 452 8.39 -28.53 27.61
N THR A 453 8.70 -29.05 26.44
CA THR A 453 9.20 -30.42 26.35
C THR A 453 10.73 -30.41 26.22
N ASP A 454 11.28 -29.35 25.70
CA ASP A 454 12.74 -29.18 25.70
C ASP A 454 12.96 -27.90 26.52
N PRO A 455 13.65 -28.00 27.69
CA PRO A 455 13.79 -26.85 28.60
C PRO A 455 14.52 -25.68 27.98
N ASN A 456 15.24 -25.90 26.89
CA ASN A 456 15.95 -24.79 26.25
C ASN A 456 15.24 -24.17 25.02
N ASP A 457 14.07 -24.67 24.71
CA ASP A 457 13.32 -24.21 23.57
C ASP A 457 11.87 -23.88 23.94
N PRO A 458 11.55 -22.58 24.13
CA PRO A 458 10.14 -22.16 24.40
C PRO A 458 9.18 -22.48 23.29
N MET A 459 9.69 -22.73 22.08
CA MET A 459 8.84 -23.17 20.97
CA MET A 459 8.83 -23.17 20.99
C MET A 459 8.23 -24.55 21.23
N THR A 460 8.71 -25.26 22.27
CA THR A 460 8.16 -26.58 22.70
C THR A 460 7.06 -26.48 23.79
N GLY A 461 6.64 -25.26 24.14
CA GLY A 461 5.70 -25.01 25.22
C GLY A 461 4.29 -24.83 24.74
N THR A 462 3.42 -24.42 25.66
CA THR A 462 1.98 -24.26 25.42
C THR A 462 1.65 -22.93 26.04
N ALA A 463 0.90 -22.10 25.31
CA ALA A 463 0.52 -20.77 25.81
C ALA A 463 -0.90 -20.75 26.44
N THR A 464 -1.25 -19.64 27.08
CA THR A 464 -2.58 -19.46 27.67
C THR A 464 -3.46 -18.56 26.78
N GLY A 465 -2.81 -17.71 25.99
CA GLY A 465 -3.50 -16.79 25.07
C GLY A 465 -2.49 -15.87 24.37
N LYS A 466 -3.02 -14.78 23.82
CA LYS A 466 -2.29 -13.87 22.94
C LYS A 466 -1.49 -12.93 23.78
N LEU A 467 -0.35 -12.49 23.23
CA LEU A 467 0.43 -11.45 23.86
C LEU A 467 -0.50 -10.28 24.07
N LYS A 468 -0.39 -9.63 25.23
CA LYS A 468 -1.02 -8.37 25.56
C LYS A 468 0.01 -7.26 25.76
N GLY A 469 -0.34 -6.04 25.39
CA GLY A 469 0.59 -4.96 25.50
C GLY A 469 -0.09 -3.66 25.14
N SER A 470 0.58 -2.55 25.43
CA SER A 470 0.07 -1.21 25.08
C SER A 470 0.62 -0.68 23.75
N THR A 471 -0.11 0.25 23.17
CA THR A 471 0.35 0.92 21.95
C THR A 471 1.73 1.64 22.08
N ALA A 472 2.12 2.03 23.29
CA ALA A 472 3.45 2.63 23.51
C ALA A 472 4.56 1.62 23.28
N GLN A 473 4.25 0.36 23.52
CA GLN A 473 5.20 -0.72 23.30
C GLN A 473 5.05 -1.35 21.88
N GLY A 474 4.23 -0.75 21.03
CA GLY A 474 4.04 -1.21 19.66
C GLY A 474 3.00 -2.32 19.49
N VAL A 475 2.15 -2.51 20.50
CA VAL A 475 1.15 -3.56 20.42
C VAL A 475 -0.15 -2.85 20.03
N TRP A 476 -0.50 -2.89 18.72
CA TRP A 476 -1.75 -2.25 18.27
C TRP A 476 -2.93 -3.19 18.31
N GLU A 477 -2.64 -4.48 18.45
CA GLU A 477 -3.69 -5.49 18.63
C GLU A 477 -3.13 -6.73 19.34
N ASP A 478 -3.96 -7.46 20.07
CA ASP A 478 -3.40 -8.58 20.81
C ASP A 478 -2.67 -9.56 19.87
N GLY A 479 -1.58 -10.09 20.35
CA GLY A 479 -0.84 -11.13 19.65
C GLY A 479 0.18 -10.63 18.63
N VAL A 480 0.32 -9.30 18.50
CA VAL A 480 1.10 -8.69 17.41
C VAL A 480 1.81 -7.50 17.98
N ILE A 481 3.08 -7.31 17.62
CA ILE A 481 3.90 -6.19 18.10
C ILE A 481 4.92 -5.72 17.02
N ASP A 482 5.04 -4.39 16.84
CA ASP A 482 5.95 -3.84 15.84
C ASP A 482 7.36 -4.31 16.16
N TYR A 483 8.15 -4.47 15.11
CA TYR A 483 9.52 -4.83 15.35
C TYR A 483 10.14 -3.73 16.19
N LYS A 484 9.82 -2.50 15.87
CA LYS A 484 10.50 -1.42 16.59
C LYS A 484 10.17 -1.41 18.08
N GLY A 485 8.99 -1.90 18.43
CA GLY A 485 8.66 -2.14 19.82
C GLY A 485 9.43 -3.30 20.44
N ILE A 486 9.59 -4.40 19.69
CA ILE A 486 10.44 -5.52 20.14
C ILE A 486 11.83 -5.02 20.46
N LYS A 487 12.40 -4.21 19.58
CA LYS A 487 13.72 -3.66 19.79
C LYS A 487 13.81 -2.69 21.00
N SER A 488 12.82 -1.80 21.14
CA SER A 488 12.84 -0.84 22.25
C SER A 488 12.56 -1.48 23.63
N PHE A 489 11.68 -2.46 23.72
CA PHE A 489 11.18 -2.89 25.01
C PHE A 489 11.46 -4.34 25.43
N MET A 490 12.14 -5.10 24.55
CA MET A 490 12.47 -6.50 24.82
CA MET A 490 12.49 -6.50 24.85
C MET A 490 13.92 -6.87 24.52
N LEU A 491 14.49 -6.26 23.49
CA LEU A 491 15.83 -6.59 23.07
C LEU A 491 16.85 -5.64 23.65
N GLY A 492 16.57 -4.36 23.56
CA GLY A 492 17.51 -3.38 24.06
C GLY A 492 18.65 -3.19 23.11
N ALA A 493 19.40 -2.11 23.32
CA ALA A 493 20.41 -1.64 22.36
C ALA A 493 21.40 -2.73 21.92
N ASN A 494 21.76 -3.63 22.86
CA ASN A 494 22.75 -4.69 22.58
C ASN A 494 22.22 -6.03 21.99
N ASN A 495 20.89 -6.16 21.89
CA ASN A 495 20.22 -7.41 21.43
C ASN A 495 20.41 -8.60 22.34
N THR A 496 20.57 -8.33 23.64
CA THR A 496 20.74 -9.39 24.61
C THR A 496 19.57 -9.60 25.59
N GLY A 497 18.62 -8.65 25.62
CA GLY A 497 17.34 -8.84 26.36
C GLY A 497 17.18 -7.94 27.59
N ILE A 498 16.05 -7.25 27.69
CA ILE A 498 15.82 -6.30 28.77
C ILE A 498 14.42 -6.52 29.33
N ASN A 499 14.14 -5.94 30.48
CA ASN A 499 12.86 -6.06 31.15
C ASN A 499 12.35 -7.50 31.31
N GLY A 500 13.22 -8.45 31.61
CA GLY A 500 12.78 -9.82 31.90
C GLY A 500 12.76 -10.78 30.70
N PHE A 501 13.18 -10.26 29.54
CA PHE A 501 13.24 -11.03 28.26
C PHE A 501 14.67 -11.51 27.94
N GLU A 502 14.74 -12.70 27.35
CA GLU A 502 16.00 -13.16 26.83
C GLU A 502 15.78 -13.39 25.36
N TYR A 503 16.87 -13.26 24.62
CA TYR A 503 16.91 -13.50 23.20
C TYR A 503 17.38 -14.91 22.96
N GLY A 504 16.81 -15.57 21.96
CA GLY A 504 17.34 -16.85 21.51
C GLY A 504 17.22 -16.95 20.00
N TYR A 505 17.95 -17.87 19.38
CA TYR A 505 17.91 -18.05 17.94
C TYR A 505 17.88 -19.51 17.60
N ASP A 506 16.92 -19.94 16.76
CA ASP A 506 16.92 -21.34 16.28
C ASP A 506 17.72 -21.41 14.93
N ALA A 507 19.00 -21.83 14.99
CA ALA A 507 19.90 -21.89 13.84
C ALA A 507 19.40 -22.85 12.74
N GLN A 508 18.64 -23.84 13.11
CA GLN A 508 18.15 -24.76 12.13
C GLN A 508 17.03 -24.04 11.32
N ALA A 509 16.19 -23.28 12.03
CA ALA A 509 15.01 -22.59 11.44
C ALA A 509 15.41 -21.27 10.76
N GLU A 510 16.51 -20.66 11.21
CA GLU A 510 16.81 -19.23 10.96
C GLU A 510 15.66 -18.34 11.46
N ALA A 511 15.43 -18.37 12.77
CA ALA A 511 14.37 -17.57 13.36
C ALA A 511 14.71 -17.20 14.78
N PRO A 512 14.58 -15.91 15.13
CA PRO A 512 14.84 -15.47 16.49
C PRO A 512 13.55 -15.48 17.32
N TRP A 513 13.73 -15.34 18.64
CA TRP A 513 12.64 -15.11 19.57
C TRP A 513 13.13 -14.29 20.77
N VAL A 514 12.18 -13.70 21.51
CA VAL A 514 12.46 -13.13 22.82
C VAL A 514 11.45 -13.73 23.76
N TRP A 515 11.92 -14.22 24.89
CA TRP A 515 11.06 -14.97 25.82
C TRP A 515 11.20 -14.45 27.24
N ASN A 516 10.07 -14.16 27.86
CA ASN A 516 10.04 -13.79 29.30
C ASN A 516 9.63 -15.02 30.13
N ARG A 517 10.57 -15.55 30.91
CA ARG A 517 10.29 -16.80 31.69
C ARG A 517 9.14 -16.71 32.67
N SER A 518 8.95 -15.58 33.35
CA SER A 518 7.91 -15.53 34.42
C SER A 518 6.52 -15.20 33.93
N THR A 519 6.44 -14.28 32.95
CA THR A 519 5.15 -14.05 32.35
C THR A 519 4.82 -15.12 31.32
N GLY A 520 5.88 -15.76 30.80
CA GLY A 520 5.71 -16.69 29.70
C GLY A 520 5.33 -15.96 28.40
N GLU A 521 5.58 -14.66 28.33
CA GLU A 521 5.43 -13.94 27.06
C GLU A 521 6.47 -14.45 26.06
N LEU A 522 6.02 -14.91 24.90
CA LEU A 522 7.00 -15.32 23.89
C LEU A 522 6.67 -14.60 22.58
N ILE A 523 7.69 -14.12 21.87
CA ILE A 523 7.44 -13.41 20.63
C ILE A 523 8.33 -13.93 19.52
N THR A 524 7.74 -14.24 18.37
CA THR A 524 8.47 -14.76 17.20
C THR A 524 8.47 -13.64 16.13
N PHE A 525 9.62 -13.38 15.53
CA PHE A 525 9.77 -12.24 14.63
C PHE A 525 10.90 -12.49 13.63
N ASP A 526 11.23 -11.48 12.81
CA ASP A 526 12.44 -11.46 11.99
C ASP A 526 13.46 -10.49 12.62
N ASP A 527 14.74 -10.86 12.66
CA ASP A 527 15.75 -9.91 13.10
C ASP A 527 16.88 -9.81 12.05
N HIS A 528 17.97 -9.13 12.41
CA HIS A 528 19.07 -8.89 11.49
C HIS A 528 19.62 -10.21 10.88
N ARG A 529 19.92 -11.17 11.74
CA ARG A 529 20.43 -12.48 11.33
C ARG A 529 19.42 -13.32 10.50
N SER A 530 18.15 -13.40 10.92
CA SER A 530 17.23 -14.17 10.09
C SER A 530 17.06 -13.51 8.73
N VAL A 531 17.10 -12.20 8.65
CA VAL A 531 16.93 -11.50 7.39
C VAL A 531 18.16 -11.67 6.47
N LEU A 532 19.37 -11.63 7.03
CA LEU A 532 20.56 -12.05 6.24
C LEU A 532 20.44 -13.46 5.67
N ALA A 533 19.87 -14.38 6.46
CA ALA A 533 19.62 -15.76 5.98
C ALA A 533 18.68 -15.78 4.77
N LYS A 534 17.66 -14.94 4.85
CA LYS A 534 16.63 -14.89 3.81
C LYS A 534 17.18 -14.27 2.55
N GLY A 535 18.02 -13.24 2.69
CA GLY A 535 18.68 -12.61 1.54
C GLY A 535 19.65 -13.59 0.84
N ASN A 536 20.45 -14.29 1.64
CA ASN A 536 21.26 -15.38 1.12
C ASN A 536 20.42 -16.48 0.42
N TYR A 537 19.30 -16.85 1.05
CA TYR A 537 18.40 -17.84 0.41
C TYR A 537 17.89 -17.35 -0.95
N ALA A 538 17.45 -16.10 -0.99
CA ALA A 538 16.83 -15.54 -2.22
C ALA A 538 17.87 -15.46 -3.34
N LYS A 539 19.09 -15.12 -2.95
CA LYS A 539 20.21 -14.98 -3.87
C LYS A 539 20.61 -16.32 -4.48
N SER A 540 20.73 -17.35 -3.65
CA SER A 540 21.05 -18.74 -4.09
C SER A 540 20.07 -19.23 -5.13
N LEU A 541 18.79 -18.87 -4.96
CA LEU A 541 17.76 -19.41 -5.82
C LEU A 541 17.45 -18.52 -7.03
N GLY A 542 17.99 -17.30 -7.07
CA GLY A 542 17.66 -16.35 -8.13
C GLY A 542 16.20 -15.87 -8.05
N LEU A 543 15.69 -15.70 -6.83
CA LEU A 543 14.42 -15.04 -6.56
C LEU A 543 14.48 -13.57 -7.01
N ALA A 544 13.33 -12.98 -7.33
CA ALA A 544 13.32 -11.59 -7.82
C ALA A 544 13.86 -10.66 -6.74
N GLY A 545 13.68 -11.01 -5.47
CA GLY A 545 14.14 -10.11 -4.37
C GLY A 545 13.36 -10.34 -3.11
N LEU A 546 13.23 -9.29 -2.30
CA LEU A 546 12.58 -9.33 -0.96
C LEU A 546 11.48 -8.28 -0.81
N PHE A 547 10.48 -8.54 0.05
CA PHE A 547 9.49 -7.51 0.38
C PHE A 547 9.15 -7.64 1.84
N SER A 548 8.39 -6.68 2.35
CA SER A 548 8.16 -6.63 3.80
C SER A 548 6.82 -6.06 4.15
N TRP A 549 6.30 -6.47 5.30
N TRP A 549 6.29 -6.55 5.27
CA TRP A 549 5.10 -5.90 5.87
CA TRP A 549 5.12 -5.98 5.93
C TRP A 549 5.39 -5.67 7.38
C TRP A 549 5.53 -5.65 7.39
N GLU A 550 5.23 -4.45 7.91
CA GLU A 550 4.72 -3.25 7.17
C GLU A 550 5.72 -2.12 7.52
N ILE A 551 5.93 -1.17 6.61
CA ILE A 551 7.05 -0.24 6.75
C ILE A 551 7.05 0.60 8.06
N ASP A 552 5.86 0.97 8.54
CA ASP A 552 5.74 1.79 9.77
C ASP A 552 6.32 1.13 11.05
N ALA A 553 6.35 -0.21 11.11
CA ALA A 553 6.70 -0.97 12.33
C ALA A 553 8.22 -1.21 12.40
N ASP A 554 8.96 -0.92 11.32
CA ASP A 554 10.44 -1.01 11.30
C ASP A 554 11.10 0.25 11.94
N ASN A 555 12.31 0.12 12.53
CA ASN A 555 13.14 1.33 12.88
C ASN A 555 14.30 1.62 11.91
N GLY A 556 14.44 0.83 10.84
CA GLY A 556 15.55 0.95 9.93
C GLY A 556 16.26 -0.41 9.86
N ASP A 557 16.23 -1.16 10.97
CA ASP A 557 16.97 -2.42 11.09
C ASP A 557 16.53 -3.46 10.08
N ILE A 558 15.24 -3.64 9.85
CA ILE A 558 14.82 -4.76 8.99
C ILE A 558 15.15 -4.44 7.55
N LEU A 559 14.74 -3.28 7.07
CA LEU A 559 15.07 -2.89 5.72
C LEU A 559 16.61 -2.85 5.50
N ASN A 560 17.39 -2.36 6.47
CA ASN A 560 18.84 -2.42 6.30
C ASN A 560 19.32 -3.86 6.06
N ALA A 561 18.87 -4.74 6.97
CA ALA A 561 19.20 -6.16 6.92
C ALA A 561 18.74 -6.78 5.61
N MET A 562 17.67 -6.25 5.01
CA MET A 562 17.26 -6.74 3.66
C MET A 562 18.30 -6.39 2.59
N HIS A 563 18.73 -5.14 2.56
CA HIS A 563 19.82 -4.76 1.64
C HIS A 563 21.15 -5.48 1.92
N GLU A 564 21.50 -5.64 3.19
CA GLU A 564 22.74 -6.33 3.54
C GLU A 564 22.73 -7.81 3.14
N GLY A 565 21.57 -8.45 3.35
CA GLY A 565 21.43 -9.84 2.99
C GLY A 565 21.54 -10.11 1.50
N MET A 566 21.13 -9.14 0.68
CA MET A 566 21.07 -9.36 -0.78
C MET A 566 22.42 -9.06 -1.42
N ALA A 567 23.18 -8.12 -0.84
CA ALA A 567 24.60 -7.98 -1.16
C ALA A 567 25.38 -9.26 -0.78
N GLY A 568 25.23 -9.71 0.49
CA GLY A 568 26.13 -10.64 1.20
C GLY A 568 25.99 -12.16 1.01
N GLY A 569 24.87 -12.55 0.36
CA GLY A 569 24.60 -13.93 0.02
C GLY A 569 25.75 -14.61 -0.71
N VAL A 570 26.13 -15.77 -0.16
CA VAL A 570 27.40 -16.41 -0.48
C VAL A 570 27.30 -17.53 -1.55
C1 DEQ B . -4.41 -17.31 10.54
C2 DEQ B . -3.57 -16.34 9.94
C3 DEQ B . -3.68 -14.98 10.27
C4 DEQ B . -4.65 -14.61 11.19
C5 DEQ B . -5.40 -16.94 11.49
C6 DEQ B . -5.50 -15.57 11.81
C7 DEQ B . -6.47 -15.15 12.73
C8 DEQ B . -7.33 -16.08 13.33
C9 DEQ B . -7.28 -17.46 13.05
N1 DEQ B . -6.29 -17.93 12.10
C10 DEQ B . -9.54 -15.26 10.56
C11 DEQ B . -9.88 -16.64 10.55
N2 DEQ B . -9.01 -17.60 9.83
C12 DEQ B . -7.86 -17.10 9.16
C13 DEQ B . -7.57 -15.73 9.17
C14 DEQ B . -8.38 -14.82 9.86
C15 DEQ B . -10.35 -14.31 11.22
C16 DEQ B . -11.50 -14.71 11.90
C17 DEQ B . -11.83 -16.08 11.91
C18 DEQ B . -11.04 -17.04 11.25
C19 DEQ B . -9.19 -19.11 9.74
C20 DEQ B . -10.60 -19.70 9.60
C21 DEQ B . -10.67 -21.15 10.13
C22 DEQ B . -10.21 -22.23 9.12
C23 DEQ B . -8.78 -22.72 9.42
C24 DEQ B . -8.68 -23.55 10.73
C25 DEQ B . -7.84 -22.87 11.87
C26 DEQ B . -6.87 -21.77 11.37
C27 DEQ B . -7.22 -20.41 12.00
C28 DEQ B . -6.10 -19.39 11.69
C30 DEQ B . -8.30 -18.37 13.82
C29 DEQ B . -6.89 -18.04 8.39
N4 DEQ B . -6.56 -13.86 13.03
N3 DEQ B . -8.01 -13.52 9.82
C1 DEQ C . -12.55 9.94 10.20
C2 DEQ C . -13.54 10.33 9.29
C3 DEQ C . -13.75 11.69 9.02
C4 DEQ C . -12.93 12.63 9.66
C5 DEQ C . -11.70 10.87 10.86
C6 DEQ C . -11.94 12.25 10.56
C7 DEQ C . -11.16 13.24 11.18
C8 DEQ C . -10.16 12.91 12.11
C9 DEQ C . -9.90 11.56 12.43
N1 DEQ C . -10.67 10.48 11.83
C10 DEQ C . -6.72 -1.07 11.33
C11 DEQ C . -7.41 -0.94 10.10
N2 DEQ C . -8.20 0.27 9.77
C12 DEQ C . -8.18 1.34 10.75
C13 DEQ C . -7.47 1.17 11.97
C14 DEQ C . -6.76 0.00 12.28
C15 DEQ C . -5.99 -2.24 11.66
C16 DEQ C . -5.92 -3.31 10.79
C17 DEQ C . -6.60 -3.19 9.57
C18 DEQ C . -7.35 -2.04 9.22
C19 DEQ C . -8.92 0.45 8.46
C20 DEQ C . -10.33 1.05 8.62
C21 DEQ C . -10.66 2.28 7.72
C22 DEQ C . -11.66 3.22 8.44
C23 DEQ C . -11.33 4.72 8.31
C24 DEQ C . -11.96 5.64 9.38
C25 DEQ C . -11.41 5.48 10.83
C26 DEQ C . -10.45 6.60 11.29
C27 DEQ C . -11.21 7.83 11.87
C28 DEQ C . -10.30 9.05 12.27
C30 DEQ C . -8.76 11.31 13.46
C29 DEQ C . -8.90 2.71 10.57
N4 DEQ C . -11.38 14.53 10.89
N3 DEQ C . -6.12 -0.04 13.47
C1 DEQ D . 21.98 8.24 6.99
C2 DEQ D . 22.76 7.39 7.78
C3 DEQ D . 23.30 7.85 8.99
C4 DEQ D . 23.05 9.17 9.41
C5 DEQ D . 21.73 9.56 7.39
C6 DEQ D . 22.27 10.03 8.62
C7 DEQ D . 22.03 11.35 9.06
C8 DEQ D . 21.24 12.22 8.28
C9 DEQ D . 20.69 11.80 7.05
N1 DEQ D . 20.91 10.45 6.57
C10 DEQ D . 16.57 14.42 3.55
C11 DEQ D . 16.67 13.20 2.79
N2 DEQ D . 16.57 11.88 3.47
C12 DEQ D . 16.41 11.91 4.91
C13 DEQ D . 16.32 13.12 5.61
C14 DEQ D . 16.40 14.36 4.97
C15 DEQ D . 16.64 15.66 2.90
C16 DEQ D . 16.82 15.75 1.51
C17 DEQ D . 16.90 14.58 0.77
C18 DEQ D . 16.83 13.33 1.40
C19 DEQ D . 16.70 10.52 2.79
C20 DEQ D . 15.50 9.99 1.99
C21 DEQ D . 15.13 8.52 2.33
C22 DEQ D . 15.90 7.38 1.64
C23 DEQ D . 16.31 6.26 2.64
C24 DEQ D . 17.82 6.18 2.94
C25 DEQ D . 18.14 6.83 4.31
C26 DEQ D . 19.40 7.71 4.30
C27 DEQ D . 19.28 8.80 5.40
C28 DEQ D . 20.32 9.96 5.24
C30 DEQ D . 19.85 12.84 6.27
C29 DEQ D . 16.34 10.62 5.72
N4 DEQ D . 22.52 11.82 10.21
N3 DEQ D . 16.32 15.46 5.74
C1 GOL E . -0.08 -17.25 5.64
O1 GOL E . 0.29 -15.90 5.42
C2 GOL E . 1.08 -18.11 5.13
O2 GOL E . 1.50 -17.65 3.85
C3 GOL E . 0.71 -19.58 5.17
O3 GOL E . -0.38 -19.85 4.30
#